data_5YCK
#
_entry.id   5YCK
#
_cell.length_a   60.650
_cell.length_b   69.240
_cell.length_c   116.950
_cell.angle_alpha   90.000
_cell.angle_beta   90.000
_cell.angle_gamma   90.000
#
_symmetry.space_group_name_H-M   'P 21 21 21'
#
loop_
_entity.id
_entity.type
_entity.pdbx_description
1 polymer 'multi drug efflux transporter'
2 non-polymer 'RUBIDIUM ION'
3 non-polymer '(2R)-2,3-dihydroxypropyl (9Z)-octadec-9-enoate'
4 water water
#
_entity_poly.entity_id   1
_entity_poly.type   'polypeptide(L)'
_entity_poly.pdbx_seq_one_letter_code
;MKATQSGQLTAELKRVTRLAAPMATVTIAQYLLPVISVMVAGHNGELQLSGVALATSFTNVTGFSIMYGLVGALETLCGQ
AYGAKQYEKIGTYTYSAIASNIPICFIISIIWFYIENILISLGQDPDISRIAGSYAFWLIPVLFAQAIVIPLTRFLLTQG
LVLPLLYTAVTTLLFHVFVCWVFVLVFVLGSNGPAMATSVSFWFYAVILSCYVRFSSSCEKTRGFVSEDFVSCVKQFFQY
GVPSAAMICLEWWLFELLILCSGLLSNPKLETSVLSICLTTETLHYVISSGVAAAVSTRVSNNLGAGNPQVARVSVLAGL
CLWLVESAFFSILLFTFRNIIGYAFSNSKEVVDYVADLSPLLCLSFILDGFTAVLNGVARGSGWQHIGAWNNIFSYYLVG
APVGVYLAFRHDLNGKGLWCGVVIGSTVQATVLAIVTASMNWKEQAEKARKRIVSTENELAEFPGENLYFQ
;
_entity_poly.pdbx_strand_id   A
#
loop_
_chem_comp.id
_chem_comp.type
_chem_comp.name
_chem_comp.formula
OLC non-polymer '(2R)-2,3-dihydroxypropyl (9Z)-octadec-9-enoate' 'C21 H40 O4'
RB non-polymer 'RUBIDIUM ION' 'Rb 1'
#
# COMPACT_ATOMS: atom_id res chain seq x y z
N GLN A 5 20.02 24.27 10.45
CA GLN A 5 19.64 23.29 11.46
C GLN A 5 18.16 23.43 11.82
N SER A 6 17.85 24.40 12.69
CA SER A 6 16.46 24.65 13.04
C SER A 6 15.67 25.21 11.84
N GLY A 7 16.26 26.14 11.09
CA GLY A 7 15.62 26.58 9.86
C GLY A 7 15.66 25.52 8.78
N GLN A 8 16.73 24.72 8.78
CA GLN A 8 16.82 23.52 7.95
C GLN A 8 15.58 22.64 8.10
N LEU A 9 15.26 22.34 9.35
CA LEU A 9 14.13 21.47 9.67
C LEU A 9 12.80 22.13 9.36
N THR A 10 12.68 23.44 9.62
CA THR A 10 11.40 24.13 9.36
C THR A 10 11.08 24.15 7.87
N ALA A 11 12.08 24.42 7.03
CA ALA A 11 11.88 24.40 5.58
C ALA A 11 11.55 23.00 5.09
N GLU A 12 12.22 21.98 5.63
CA GLU A 12 11.93 20.61 5.23
C GLU A 12 10.61 20.12 5.82
N LEU A 13 10.25 20.59 7.00
CA LEU A 13 8.93 20.29 7.55
C LEU A 13 7.82 20.84 6.64
N LYS A 14 8.02 22.04 6.10
CA LYS A 14 7.03 22.63 5.21
C LYS A 14 6.86 21.78 3.96
N ARG A 15 7.98 21.35 3.35
CA ARG A 15 7.90 20.57 2.12
C ARG A 15 7.34 19.18 2.36
N VAL A 16 7.74 18.54 3.47
CA VAL A 16 7.23 17.21 3.78
C VAL A 16 5.72 17.25 4.01
N THR A 17 5.26 18.26 4.75
CA THR A 17 3.82 18.41 4.98
C THR A 17 3.08 18.74 3.68
N ARG A 18 3.68 19.59 2.83
CA ARG A 18 3.04 19.95 1.57
C ARG A 18 2.84 18.74 0.67
N LEU A 19 3.62 17.68 0.87
CA LEU A 19 3.42 16.46 0.12
C LEU A 19 2.61 15.43 0.90
N ALA A 20 2.71 15.45 2.23
CA ALA A 20 2.10 14.39 3.02
C ALA A 20 0.59 14.55 3.11
N ALA A 21 0.10 15.79 3.27
CA ALA A 21 -1.34 16.00 3.37
C ALA A 21 -2.09 15.60 2.10
N PRO A 22 -1.69 16.01 0.89
CA PRO A 22 -2.40 15.50 -0.30
C PRO A 22 -2.24 14.01 -0.50
N MET A 23 -1.04 13.47 -0.23
CA MET A 23 -0.81 12.04 -0.42
C MET A 23 -1.60 11.22 0.59
N ALA A 24 -1.82 11.74 1.80
CA ALA A 24 -2.66 11.05 2.76
C ALA A 24 -4.10 10.98 2.26
N THR A 25 -4.59 12.08 1.69
CA THR A 25 -5.93 12.06 1.10
C THR A 25 -6.00 11.15 -0.12
N VAL A 26 -4.90 11.04 -0.87
CA VAL A 26 -4.86 10.11 -1.99
C VAL A 26 -5.01 8.67 -1.49
N THR A 27 -4.26 8.32 -0.45
CA THR A 27 -4.35 6.99 0.11
C THR A 27 -5.73 6.71 0.70
N ILE A 28 -6.38 7.74 1.24
CA ILE A 28 -7.76 7.60 1.69
C ILE A 28 -8.65 7.18 0.53
N ALA A 29 -8.54 7.89 -0.60
CA ALA A 29 -9.35 7.55 -1.76
C ALA A 29 -9.00 6.14 -2.29
N GLN A 30 -7.72 5.79 -2.27
CA GLN A 30 -7.32 4.46 -2.74
C GLN A 30 -8.03 3.37 -1.96
N TYR A 31 -8.01 3.46 -0.63
CA TYR A 31 -8.59 2.42 0.20
C TYR A 31 -10.11 2.53 0.28
N LEU A 32 -10.68 3.68 -0.08
CA LEU A 32 -12.13 3.82 -0.07
C LEU A 32 -12.78 3.16 -1.28
N LEU A 33 -12.05 3.03 -2.38
CA LEU A 33 -12.63 2.45 -3.60
C LEU A 33 -13.10 1.02 -3.40
N PRO A 34 -12.31 0.09 -2.86
CA PRO A 34 -12.84 -1.26 -2.64
C PRO A 34 -13.94 -1.30 -1.60
N VAL A 35 -13.89 -0.43 -0.60
CA VAL A 35 -14.98 -0.34 0.36
C VAL A 35 -16.28 0.07 -0.32
N ILE A 36 -16.18 0.98 -1.30
CA ILE A 36 -17.36 1.36 -2.07
C ILE A 36 -17.89 0.18 -2.87
N SER A 37 -16.99 -0.64 -3.42
CA SER A 37 -17.41 -1.83 -4.14
C SER A 37 -18.22 -2.76 -3.25
N VAL A 38 -17.74 -2.98 -2.01
CA VAL A 38 -18.45 -3.86 -1.09
C VAL A 38 -19.79 -3.23 -0.68
N MET A 39 -19.81 -1.92 -0.46
CA MET A 39 -21.01 -1.26 0.05
C MET A 39 -22.10 -1.20 -1.03
N VAL A 40 -21.74 -0.81 -2.25
CA VAL A 40 -22.73 -0.72 -3.32
C VAL A 40 -23.29 -2.10 -3.65
N ALA A 41 -22.44 -3.12 -3.65
CA ALA A 41 -22.92 -4.48 -3.82
C ALA A 41 -23.92 -4.85 -2.72
N GLY A 42 -23.59 -4.53 -1.47
CA GLY A 42 -24.43 -4.86 -0.32
C GLY A 42 -24.95 -6.27 -0.37
N HIS A 43 -24.04 -7.23 -0.45
CA HIS A 43 -24.38 -8.57 -0.89
C HIS A 43 -25.27 -9.29 0.13
N ASN A 44 -26.24 -10.02 -0.39
CA ASN A 44 -27.31 -10.54 0.44
C ASN A 44 -26.97 -11.90 1.03
N GLY A 45 -26.24 -12.73 0.29
CA GLY A 45 -26.05 -14.12 0.64
C GLY A 45 -24.62 -14.45 0.98
N GLU A 46 -24.46 -15.50 1.79
CA GLU A 46 -23.12 -15.93 2.17
C GLU A 46 -22.33 -16.44 0.97
N LEU A 47 -23.03 -17.08 0.02
CA LEU A 47 -22.37 -17.60 -1.17
C LEU A 47 -21.70 -16.48 -1.97
N GLN A 48 -22.43 -15.38 -2.19
CA GLN A 48 -21.87 -14.26 -2.93
C GLN A 48 -20.79 -13.56 -2.13
N LEU A 49 -21.04 -13.32 -0.84
CA LEU A 49 -20.07 -12.62 -0.01
C LEU A 49 -18.76 -13.39 0.10
N SER A 50 -18.86 -14.71 0.31
CA SER A 50 -17.64 -15.52 0.44
C SER A 50 -16.89 -15.61 -0.88
N GLY A 51 -17.60 -15.80 -1.98
CA GLY A 51 -16.94 -15.89 -3.28
C GLY A 51 -16.24 -14.60 -3.65
N VAL A 52 -16.89 -13.46 -3.42
CA VAL A 52 -16.27 -12.18 -3.71
C VAL A 52 -15.07 -11.94 -2.81
N ALA A 53 -15.19 -12.29 -1.52
CA ALA A 53 -14.09 -12.12 -0.59
C ALA A 53 -12.90 -13.00 -0.99
N LEU A 54 -13.17 -14.22 -1.46
CA LEU A 54 -12.08 -15.08 -1.91
C LEU A 54 -11.42 -14.53 -3.16
N ALA A 55 -12.21 -13.94 -4.06
CA ALA A 55 -11.63 -13.32 -5.25
C ALA A 55 -10.78 -12.11 -4.86
N THR A 56 -11.21 -11.36 -3.84
CA THR A 56 -10.45 -10.19 -3.41
C THR A 56 -9.13 -10.61 -2.76
N SER A 57 -9.18 -11.61 -1.87
CA SER A 57 -7.96 -12.08 -1.22
C SER A 57 -6.98 -12.67 -2.24
N PHE A 58 -7.49 -13.46 -3.18
CA PHE A 58 -6.63 -14.09 -4.17
C PHE A 58 -5.96 -13.06 -5.07
N THR A 59 -6.75 -12.13 -5.62
CA THR A 59 -6.21 -11.13 -6.54
C THR A 59 -5.26 -10.17 -5.84
N ASN A 60 -5.54 -9.82 -4.59
CA ASN A 60 -4.61 -8.99 -3.83
C ASN A 60 -3.29 -9.70 -3.59
N VAL A 61 -3.34 -10.99 -3.21
CA VAL A 61 -2.13 -11.72 -2.84
C VAL A 61 -1.24 -11.94 -4.06
N THR A 62 -1.83 -12.38 -5.18
CA THR A 62 -1.07 -12.79 -6.34
C THR A 62 -0.88 -11.70 -7.39
N GLY A 63 -1.60 -10.59 -7.29
CA GLY A 63 -1.57 -9.60 -8.35
C GLY A 63 -1.40 -8.17 -7.91
N PHE A 64 -2.34 -7.68 -7.09
CA PHE A 64 -2.37 -6.25 -6.76
C PHE A 64 -1.23 -5.84 -5.84
N SER A 65 -0.82 -6.72 -4.93
CA SER A 65 0.33 -6.41 -4.09
C SER A 65 1.59 -6.19 -4.92
N ILE A 66 1.75 -6.96 -6.01
CA ILE A 66 2.91 -6.80 -6.88
C ILE A 66 2.80 -5.51 -7.69
N MET A 67 1.61 -5.23 -8.25
CA MET A 67 1.43 -4.05 -9.08
C MET A 67 1.71 -2.77 -8.30
N TYR A 68 1.17 -2.66 -7.08
CA TYR A 68 1.45 -1.48 -6.26
C TYR A 68 2.89 -1.49 -5.76
N GLY A 69 3.43 -2.66 -5.44
CA GLY A 69 4.75 -2.73 -4.85
C GLY A 69 5.87 -2.39 -5.82
N LEU A 70 5.68 -2.67 -7.10
CA LEU A 70 6.76 -2.51 -8.07
C LEU A 70 7.20 -1.05 -8.22
N VAL A 71 6.27 -0.10 -8.11
CA VAL A 71 6.61 1.30 -8.37
C VAL A 71 7.41 1.95 -7.26
N GLY A 72 7.72 1.23 -6.19
CA GLY A 72 8.75 1.70 -5.28
C GLY A 72 10.07 1.91 -5.99
N ALA A 73 10.31 1.15 -7.07
CA ALA A 73 11.45 1.42 -7.94
C ALA A 73 11.37 2.83 -8.52
N LEU A 74 10.17 3.27 -8.91
CA LEU A 74 10.02 4.62 -9.42
C LEU A 74 10.20 5.66 -8.32
N GLU A 75 9.89 5.31 -7.08
CA GLU A 75 10.16 6.21 -5.97
C GLU A 75 11.65 6.45 -5.83
N THR A 76 12.46 5.42 -6.09
CA THR A 76 13.91 5.56 -6.08
C THR A 76 14.41 6.26 -7.34
N LEU A 77 14.04 5.74 -8.51
CA LEU A 77 14.62 6.22 -9.75
C LEU A 77 14.11 7.60 -10.13
N CYS A 78 12.78 7.75 -10.22
CA CYS A 78 12.24 9.05 -10.62
C CYS A 78 12.47 10.11 -9.56
N GLY A 79 12.46 9.73 -8.28
CA GLY A 79 12.71 10.71 -7.24
C GLY A 79 14.12 11.25 -7.27
N GLN A 80 15.11 10.36 -7.37
CA GLN A 80 16.50 10.80 -7.45
C GLN A 80 16.79 11.47 -8.79
N ALA A 81 16.11 11.06 -9.86
CA ALA A 81 16.28 11.73 -11.14
C ALA A 81 15.72 13.15 -11.10
N TYR A 82 14.59 13.35 -10.41
CA TYR A 82 14.05 14.69 -10.28
C TYR A 82 14.97 15.56 -9.43
N GLY A 83 15.59 14.98 -8.41
CA GLY A 83 16.51 15.75 -7.58
C GLY A 83 17.70 16.27 -8.36
N ALA A 84 18.29 15.42 -9.20
CA ALA A 84 19.39 15.82 -10.05
C ALA A 84 18.93 16.58 -11.30
N LYS A 85 17.63 16.84 -11.43
CA LYS A 85 17.05 17.49 -12.60
C LYS A 85 17.34 16.70 -13.87
N GLN A 86 17.40 15.37 -13.74
CA GLN A 86 17.48 14.47 -14.88
C GLN A 86 16.05 14.19 -15.36
N TYR A 87 15.42 15.25 -15.87
CA TYR A 87 13.98 15.23 -16.09
C TYR A 87 13.57 14.27 -17.21
N GLU A 88 14.36 14.21 -18.29
CA GLU A 88 14.01 13.32 -19.39
C GLU A 88 14.00 11.87 -18.94
N LYS A 89 14.95 11.49 -18.07
CA LYS A 89 15.00 10.12 -17.57
C LYS A 89 13.81 9.78 -16.68
N ILE A 90 13.13 10.78 -16.12
CA ILE A 90 11.92 10.52 -15.34
C ILE A 90 10.86 9.88 -16.22
N GLY A 91 10.62 10.46 -17.40
CA GLY A 91 9.66 9.87 -18.32
C GLY A 91 10.13 8.54 -18.87
N THR A 92 11.43 8.40 -19.11
CA THR A 92 11.96 7.13 -19.57
C THR A 92 11.79 6.05 -18.50
N TYR A 93 12.05 6.40 -17.24
CA TYR A 93 11.82 5.47 -16.14
C TYR A 93 10.35 5.09 -16.04
N THR A 94 9.46 6.08 -16.16
CA THR A 94 8.04 5.83 -16.02
C THR A 94 7.53 4.90 -17.11
N TYR A 95 7.94 5.16 -18.35
CA TYR A 95 7.42 4.37 -19.48
C TYR A 95 8.11 3.01 -19.58
N SER A 96 9.36 2.91 -19.10
CA SER A 96 9.97 1.60 -18.93
C SER A 96 9.22 0.79 -17.89
N ALA A 97 8.70 1.47 -16.85
CA ALA A 97 7.91 0.78 -15.84
C ALA A 97 6.59 0.29 -16.41
N ILE A 98 5.96 1.09 -17.26
CA ILE A 98 4.69 0.68 -17.87
C ILE A 98 4.92 -0.52 -18.79
N ALA A 99 5.92 -0.42 -19.67
CA ALA A 99 6.21 -1.52 -20.57
C ALA A 99 6.59 -2.78 -19.81
N SER A 100 7.31 -2.63 -18.70
CA SER A 100 7.66 -3.80 -17.90
C SER A 100 6.45 -4.36 -17.17
N ASN A 101 5.46 -3.51 -16.87
CA ASN A 101 4.25 -3.98 -16.21
C ASN A 101 3.38 -4.83 -17.12
N ILE A 102 3.51 -4.67 -18.44
CA ILE A 102 2.63 -5.38 -19.37
C ILE A 102 2.81 -6.90 -19.27
N PRO A 103 4.02 -7.45 -19.38
CA PRO A 103 4.15 -8.92 -19.26
C PRO A 103 3.78 -9.44 -17.88
N ILE A 104 4.06 -8.66 -16.82
CA ILE A 104 3.66 -9.08 -15.48
C ILE A 104 2.15 -9.15 -15.38
N CYS A 105 1.44 -8.20 -15.98
CA CYS A 105 -0.01 -8.25 -16.02
C CYS A 105 -0.51 -9.49 -16.74
N PHE A 106 0.20 -9.91 -17.79
CA PHE A 106 -0.17 -11.11 -18.51
C PHE A 106 0.03 -12.36 -17.65
N ILE A 107 1.15 -12.41 -16.92
CA ILE A 107 1.40 -13.56 -16.05
C ILE A 107 0.32 -13.65 -14.97
N ILE A 108 0.02 -12.52 -14.32
CA ILE A 108 -0.99 -12.50 -13.27
C ILE A 108 -2.36 -12.89 -13.85
N SER A 109 -2.64 -12.43 -15.07
CA SER A 109 -3.90 -12.78 -15.72
C SER A 109 -4.01 -14.30 -15.93
N ILE A 110 -2.92 -14.93 -16.37
CA ILE A 110 -2.91 -16.38 -16.56
C ILE A 110 -3.20 -17.08 -15.23
N ILE A 111 -2.61 -16.59 -14.14
CA ILE A 111 -2.86 -17.18 -12.83
C ILE A 111 -4.32 -17.01 -12.44
N TRP A 112 -4.88 -15.82 -12.68
CA TRP A 112 -6.27 -15.56 -12.33
C TRP A 112 -7.24 -16.40 -13.15
N PHE A 113 -6.82 -16.88 -14.33
CA PHE A 113 -7.65 -17.78 -15.11
C PHE A 113 -7.93 -19.07 -14.36
N TYR A 114 -7.01 -19.47 -13.47
CA TYR A 114 -7.09 -20.75 -12.77
C TYR A 114 -7.56 -20.61 -11.33
N ILE A 115 -8.14 -19.46 -10.98
CA ILE A 115 -8.52 -19.23 -9.58
C ILE A 115 -9.60 -20.23 -9.14
N GLU A 116 -10.55 -20.53 -10.03
CA GLU A 116 -11.59 -21.49 -9.69
C GLU A 116 -11.01 -22.87 -9.47
N ASN A 117 -10.14 -23.33 -10.38
CA ASN A 117 -9.54 -24.65 -10.23
C ASN A 117 -8.65 -24.71 -9.00
N ILE A 118 -7.86 -23.67 -8.76
CA ILE A 118 -6.96 -23.67 -7.61
C ILE A 118 -7.76 -23.73 -6.31
N LEU A 119 -8.83 -22.94 -6.22
CA LEU A 119 -9.63 -22.92 -5.00
C LEU A 119 -10.35 -24.25 -4.80
N ILE A 120 -10.79 -24.89 -5.88
CA ILE A 120 -11.44 -26.19 -5.77
C ILE A 120 -10.44 -27.22 -5.24
N SER A 121 -9.22 -27.22 -5.79
CA SER A 121 -8.20 -28.13 -5.31
C SER A 121 -7.81 -27.84 -3.88
N LEU A 122 -7.97 -26.60 -3.43
CA LEU A 122 -7.72 -26.24 -2.04
C LEU A 122 -8.87 -26.59 -1.12
N GLY A 123 -9.86 -27.34 -1.61
CA GLY A 123 -10.94 -27.81 -0.75
C GLY A 123 -12.03 -26.81 -0.49
N GLN A 124 -12.28 -25.89 -1.41
CA GLN A 124 -13.33 -24.90 -1.26
C GLN A 124 -14.57 -25.32 -2.05
N ASP A 125 -15.71 -24.74 -1.66
CA ASP A 125 -16.98 -25.08 -2.30
C ASP A 125 -16.93 -24.72 -3.77
N PRO A 126 -17.43 -25.59 -4.66
CA PRO A 126 -17.33 -25.30 -6.11
C PRO A 126 -18.11 -24.06 -6.54
N ASP A 127 -19.27 -23.81 -5.93
CA ASP A 127 -20.02 -22.60 -6.25
C ASP A 127 -19.23 -21.36 -5.82
N ILE A 128 -18.65 -21.39 -4.61
CA ILE A 128 -17.83 -20.29 -4.15
C ILE A 128 -16.64 -20.08 -5.08
N SER A 129 -16.02 -21.17 -5.52
CA SER A 129 -14.83 -21.07 -6.36
C SER A 129 -15.16 -20.46 -7.71
N ARG A 130 -16.27 -20.86 -8.33
CA ARG A 130 -16.64 -20.31 -9.62
C ARG A 130 -16.97 -18.82 -9.51
N ILE A 131 -17.65 -18.43 -8.45
CA ILE A 131 -17.97 -17.02 -8.24
C ILE A 131 -16.70 -16.20 -8.07
N ALA A 132 -15.73 -16.75 -7.32
CA ALA A 132 -14.46 -16.05 -7.13
C ALA A 132 -13.71 -15.91 -8.45
N GLY A 133 -13.64 -16.99 -9.22
CA GLY A 133 -12.94 -16.93 -10.49
C GLY A 133 -13.59 -16.00 -11.49
N SER A 134 -14.93 -15.94 -11.47
CA SER A 134 -15.63 -15.02 -12.37
C SER A 134 -15.38 -13.57 -11.98
N TYR A 135 -15.45 -13.28 -10.67
CA TYR A 135 -15.17 -11.92 -10.20
C TYR A 135 -13.75 -11.50 -10.57
N ALA A 136 -12.79 -12.40 -10.35
CA ALA A 136 -11.40 -12.08 -10.66
C ALA A 136 -11.18 -11.91 -12.16
N PHE A 137 -11.87 -12.71 -12.97
CA PHE A 137 -11.77 -12.57 -14.42
C PHE A 137 -12.14 -11.16 -14.86
N TRP A 138 -13.18 -10.60 -14.27
CA TRP A 138 -13.60 -9.24 -14.58
C TRP A 138 -12.74 -8.18 -13.89
N LEU A 139 -11.88 -8.59 -12.95
CA LEU A 139 -10.87 -7.70 -12.40
C LEU A 139 -9.60 -7.65 -13.25
N ILE A 140 -9.52 -8.49 -14.29
CA ILE A 140 -8.29 -8.55 -15.10
C ILE A 140 -8.00 -7.23 -15.79
N PRO A 141 -8.97 -6.52 -16.38
CA PRO A 141 -8.63 -5.21 -16.98
C PRO A 141 -8.06 -4.20 -15.99
N VAL A 142 -8.33 -4.36 -14.69
CA VAL A 142 -7.73 -3.46 -13.70
C VAL A 142 -6.21 -3.56 -13.74
N LEU A 143 -5.69 -4.77 -13.97
CA LEU A 143 -4.24 -4.96 -14.03
C LEU A 143 -3.62 -4.09 -15.12
N PHE A 144 -4.15 -4.16 -16.33
CA PHE A 144 -3.55 -3.43 -17.44
C PHE A 144 -3.78 -1.93 -17.32
N ALA A 145 -4.88 -1.51 -16.71
CA ALA A 145 -5.09 -0.10 -16.42
C ALA A 145 -4.08 0.39 -15.38
N GLN A 146 -3.86 -0.40 -14.33
CA GLN A 146 -2.86 -0.07 -13.32
C GLN A 146 -1.44 -0.10 -13.86
N ALA A 147 -1.19 -0.85 -14.94
CA ALA A 147 0.13 -0.80 -15.58
C ALA A 147 0.46 0.61 -16.05
N ILE A 148 -0.55 1.41 -16.35
CA ILE A 148 -0.34 2.82 -16.69
C ILE A 148 -0.55 3.71 -15.46
N VAL A 149 -1.58 3.42 -14.68
CA VAL A 149 -1.99 4.32 -13.59
C VAL A 149 -0.89 4.43 -12.55
N ILE A 150 -0.46 3.28 -12.00
CA ILE A 150 0.47 3.32 -10.87
C ILE A 150 1.80 3.97 -11.21
N PRO A 151 2.45 3.66 -12.34
CA PRO A 151 3.67 4.41 -12.68
C PRO A 151 3.43 5.89 -12.89
N LEU A 152 2.27 6.27 -13.43
CA LEU A 152 1.96 7.67 -13.61
C LEU A 152 1.78 8.38 -12.26
N THR A 153 1.22 7.67 -11.27
CA THR A 153 1.08 8.26 -9.94
C THR A 153 2.44 8.59 -9.35
N ARG A 154 3.43 7.72 -9.55
CA ARG A 154 4.79 8.03 -9.09
C ARG A 154 5.45 9.07 -9.99
N PHE A 155 5.08 9.11 -11.27
CA PHE A 155 5.57 10.16 -12.15
C PHE A 155 5.19 11.55 -11.63
N LEU A 156 3.97 11.69 -11.13
CA LEU A 156 3.54 12.97 -10.57
C LEU A 156 4.12 13.19 -9.18
N LEU A 157 4.14 12.15 -8.34
CA LEU A 157 4.56 12.30 -6.96
C LEU A 157 6.03 12.69 -6.85
N THR A 158 6.90 12.01 -7.60
CA THR A 158 8.33 12.27 -7.51
C THR A 158 8.70 13.69 -7.90
N GLN A 159 7.88 14.34 -8.73
CA GLN A 159 8.11 15.74 -9.10
C GLN A 159 7.46 16.72 -8.15
N GLY A 160 6.78 16.24 -7.11
CA GLY A 160 6.03 17.11 -6.23
C GLY A 160 4.67 17.51 -6.75
N LEU A 161 4.17 16.87 -7.80
CA LEU A 161 2.85 17.18 -8.36
C LEU A 161 1.77 16.36 -7.66
N VAL A 162 1.62 16.61 -6.35
CA VAL A 162 0.65 15.87 -5.55
C VAL A 162 -0.76 16.39 -5.73
N LEU A 163 -0.93 17.66 -6.11
CA LEU A 163 -2.28 18.19 -6.31
C LEU A 163 -3.00 17.53 -7.49
N PRO A 164 -2.40 17.40 -8.68
CA PRO A 164 -3.10 16.66 -9.75
C PRO A 164 -3.32 15.20 -9.40
N LEU A 165 -2.37 14.60 -8.66
CA LEU A 165 -2.57 13.24 -8.17
C LEU A 165 -3.81 13.16 -7.28
N LEU A 166 -3.95 14.10 -6.35
CA LEU A 166 -5.10 14.13 -5.46
C LEU A 166 -6.39 14.37 -6.24
N TYR A 167 -6.36 15.31 -7.18
CA TYR A 167 -7.57 15.63 -7.94
C TYR A 167 -8.05 14.42 -8.73
N THR A 168 -7.14 13.78 -9.47
CA THR A 168 -7.52 12.64 -10.30
C THR A 168 -7.92 11.42 -9.45
N ALA A 169 -7.30 11.27 -8.27
CA ALA A 169 -7.64 10.14 -7.41
C ALA A 169 -9.05 10.30 -6.84
N VAL A 170 -9.40 11.51 -6.39
CA VAL A 170 -10.74 11.75 -5.86
C VAL A 170 -11.77 11.68 -6.97
N THR A 171 -11.44 12.24 -8.13
CA THR A 171 -12.34 12.17 -9.28
C THR A 171 -12.60 10.72 -9.69
N THR A 172 -11.55 9.88 -9.66
CA THR A 172 -11.73 8.47 -9.95
C THR A 172 -12.62 7.80 -8.91
N LEU A 173 -12.45 8.19 -7.63
CA LEU A 173 -13.27 7.62 -6.56
C LEU A 173 -14.75 7.91 -6.79
N LEU A 174 -15.08 9.18 -7.04
CA LEU A 174 -16.47 9.55 -7.30
C LEU A 174 -17.00 8.86 -8.56
N PHE A 175 -16.16 8.77 -9.59
CA PHE A 175 -16.53 8.03 -10.79
C PHE A 175 -16.84 6.58 -10.47
N HIS A 176 -16.09 5.99 -9.55
CA HIS A 176 -16.30 4.59 -9.18
C HIS A 176 -17.62 4.41 -8.43
N VAL A 177 -18.00 5.39 -7.60
CA VAL A 177 -19.29 5.33 -6.93
C VAL A 177 -20.41 5.35 -7.96
N PHE A 178 -20.27 6.16 -9.00
CA PHE A 178 -21.29 6.24 -10.05
C PHE A 178 -21.39 4.94 -10.83
N VAL A 179 -20.26 4.43 -11.32
CA VAL A 179 -20.31 3.22 -12.14
C VAL A 179 -20.72 2.01 -11.31
N CYS A 180 -20.43 2.02 -10.01
CA CYS A 180 -20.94 0.96 -9.14
C CYS A 180 -22.47 1.04 -9.05
N TRP A 181 -23.00 2.26 -8.97
CA TRP A 181 -24.45 2.44 -8.92
C TRP A 181 -25.11 1.94 -10.20
N VAL A 182 -24.54 2.31 -11.35
CA VAL A 182 -25.14 1.94 -12.63
C VAL A 182 -25.02 0.43 -12.87
N PHE A 183 -23.87 -0.14 -12.52
CA PHE A 183 -23.67 -1.56 -12.80
C PHE A 183 -24.47 -2.45 -11.86
N VAL A 184 -24.54 -2.07 -10.58
CA VAL A 184 -25.19 -2.93 -9.60
C VAL A 184 -26.70 -2.66 -9.56
N LEU A 185 -27.10 -1.39 -9.57
CA LEU A 185 -28.50 -1.05 -9.39
C LEU A 185 -29.26 -0.92 -10.70
N VAL A 186 -28.62 -0.37 -11.74
CA VAL A 186 -29.32 -0.11 -13.00
C VAL A 186 -29.16 -1.31 -13.92
N PHE A 187 -27.92 -1.65 -14.26
CA PHE A 187 -27.67 -2.78 -15.16
C PHE A 187 -27.96 -4.12 -14.52
N VAL A 188 -27.91 -4.20 -13.18
CA VAL A 188 -28.11 -5.44 -12.44
C VAL A 188 -27.19 -6.51 -13.01
N LEU A 189 -25.88 -6.27 -12.94
CA LEU A 189 -24.90 -7.22 -13.46
C LEU A 189 -24.56 -8.33 -12.46
N GLY A 190 -25.07 -8.24 -11.24
CA GLY A 190 -24.87 -9.32 -10.28
C GLY A 190 -23.57 -9.20 -9.53
N SER A 191 -23.02 -10.37 -9.16
CA SER A 191 -21.82 -10.41 -8.34
C SER A 191 -20.63 -9.77 -9.05
N ASN A 192 -20.56 -9.93 -10.37
CA ASN A 192 -19.45 -9.37 -11.15
C ASN A 192 -19.60 -7.88 -11.40
N GLY A 193 -20.73 -7.28 -11.03
CA GLY A 193 -20.98 -5.87 -11.24
C GLY A 193 -19.88 -4.96 -10.71
N PRO A 194 -19.60 -5.04 -9.40
CA PRO A 194 -18.50 -4.22 -8.85
C PRO A 194 -17.16 -4.48 -9.51
N ALA A 195 -16.84 -5.75 -9.83
CA ALA A 195 -15.58 -6.06 -10.49
C ALA A 195 -15.51 -5.37 -11.86
N MET A 196 -16.56 -5.49 -12.66
CA MET A 196 -16.61 -4.78 -13.93
C MET A 196 -16.51 -3.27 -13.71
N ALA A 197 -17.21 -2.76 -12.69
CA ALA A 197 -17.15 -1.33 -12.39
C ALA A 197 -15.72 -0.89 -12.07
N THR A 198 -14.98 -1.72 -11.32
CA THR A 198 -13.59 -1.37 -11.00
C THR A 198 -12.74 -1.29 -12.26
N SER A 199 -12.94 -2.22 -13.20
CA SER A 199 -12.19 -2.19 -14.45
C SER A 199 -12.45 -0.90 -15.22
N VAL A 200 -13.69 -0.40 -15.20
CA VAL A 200 -14.01 0.86 -15.86
C VAL A 200 -13.35 2.03 -15.15
N SER A 201 -13.42 2.04 -13.82
CA SER A 201 -12.93 3.19 -13.05
C SER A 201 -11.43 3.38 -13.24
N PHE A 202 -10.65 2.30 -13.10
CA PHE A 202 -9.20 2.43 -13.23
C PHE A 202 -8.79 2.79 -14.65
N TRP A 203 -9.55 2.35 -15.65
CA TRP A 203 -9.26 2.78 -17.01
C TRP A 203 -9.64 4.24 -17.21
N PHE A 204 -10.71 4.69 -16.57
CA PHE A 204 -10.97 6.13 -16.51
C PHE A 204 -9.84 6.86 -15.78
N TYR A 205 -9.37 6.28 -14.68
CA TYR A 205 -8.19 6.80 -14.01
C TYR A 205 -7.00 6.82 -14.96
N ALA A 206 -6.92 5.86 -15.88
CA ALA A 206 -5.80 5.81 -16.81
C ALA A 206 -5.86 6.94 -17.83
N VAL A 207 -7.06 7.31 -18.30
CA VAL A 207 -7.15 8.29 -19.37
C VAL A 207 -6.93 9.71 -18.85
N ILE A 208 -7.52 10.05 -17.71
CA ILE A 208 -7.39 11.42 -17.19
C ILE A 208 -5.96 11.69 -16.76
N LEU A 209 -5.32 10.71 -16.12
CA LEU A 209 -3.89 10.84 -15.81
C LEU A 209 -3.07 10.99 -17.08
N SER A 210 -3.27 10.08 -18.05
CA SER A 210 -2.57 10.18 -19.33
C SER A 210 -2.89 11.49 -20.03
N CYS A 211 -4.12 11.99 -19.89
CA CYS A 211 -4.46 13.28 -20.50
C CYS A 211 -3.71 14.42 -19.83
N TYR A 212 -3.70 14.45 -18.50
CA TYR A 212 -2.99 15.50 -17.79
C TYR A 212 -1.50 15.48 -18.12
N VAL A 213 -0.86 14.31 -17.97
CA VAL A 213 0.56 14.18 -18.27
C VAL A 213 0.87 14.60 -19.70
N ARG A 214 -0.04 14.32 -20.63
CA ARG A 214 0.20 14.62 -22.04
C ARG A 214 0.05 16.10 -22.37
N PHE A 215 -0.89 16.80 -21.71
CA PHE A 215 -1.27 18.16 -22.12
C PHE A 215 -0.91 19.24 -21.11
N SER A 216 -0.61 18.89 -19.86
CA SER A 216 -0.33 19.91 -18.86
C SER A 216 1.02 20.56 -19.08
N SER A 217 1.12 21.83 -18.68
CA SER A 217 2.39 22.53 -18.71
C SER A 217 3.33 22.05 -17.62
N SER A 218 2.81 21.41 -16.58
CA SER A 218 3.65 20.96 -15.47
C SER A 218 4.50 19.76 -15.86
N CYS A 219 4.03 18.94 -16.78
CA CYS A 219 4.73 17.72 -17.17
C CYS A 219 5.44 17.85 -18.51
N GLU A 220 5.70 19.07 -18.97
CA GLU A 220 6.27 19.25 -20.30
C GLU A 220 7.71 18.73 -20.38
N LYS A 221 8.53 19.04 -19.37
CA LYS A 221 9.94 18.64 -19.40
C LYS A 221 10.13 17.16 -19.06
N THR A 222 9.24 16.59 -18.25
CA THR A 222 9.44 15.21 -17.79
C THR A 222 8.73 14.18 -18.65
N ARG A 223 7.77 14.57 -19.48
CA ARG A 223 7.08 13.60 -20.32
C ARG A 223 7.97 13.16 -21.48
N GLY A 224 7.60 12.03 -22.08
CA GLY A 224 8.38 11.44 -23.14
C GLY A 224 9.48 10.54 -22.59
N PHE A 225 10.10 9.80 -23.50
CA PHE A 225 11.14 8.85 -23.12
C PHE A 225 12.27 8.89 -24.15
N VAL A 226 13.44 8.44 -23.71
CA VAL A 226 14.62 8.33 -24.56
C VAL A 226 14.79 6.86 -24.93
N SER A 227 14.85 6.58 -26.23
CA SER A 227 14.89 5.20 -26.70
C SER A 227 16.17 4.50 -26.23
N GLU A 228 17.32 5.15 -26.39
CA GLU A 228 18.59 4.54 -26.01
C GLU A 228 18.73 4.34 -24.50
N ASP A 229 17.80 4.89 -23.71
CA ASP A 229 17.80 4.71 -22.26
C ASP A 229 16.76 3.68 -21.80
N PHE A 230 15.98 3.12 -22.73
CA PHE A 230 14.85 2.28 -22.35
C PHE A 230 15.31 1.01 -21.65
N VAL A 231 16.17 0.23 -22.30
CA VAL A 231 16.56 -1.07 -21.76
C VAL A 231 17.21 -0.91 -20.40
N SER A 232 18.13 0.04 -20.27
CA SER A 232 18.79 0.26 -18.98
C SER A 232 17.79 0.62 -17.89
N CYS A 233 16.80 1.45 -18.22
CA CYS A 233 15.79 1.82 -17.25
C CYS A 233 14.94 0.62 -16.83
N VAL A 234 14.60 -0.25 -17.79
CA VAL A 234 13.88 -1.47 -17.48
C VAL A 234 14.68 -2.32 -16.51
N LYS A 235 15.99 -2.44 -16.75
CA LYS A 235 16.88 -3.15 -15.83
C LYS A 235 16.77 -2.61 -14.41
N GLN A 236 16.91 -1.29 -14.26
CA GLN A 236 16.82 -0.67 -12.93
C GLN A 236 15.42 -0.80 -12.34
N PHE A 237 14.38 -0.78 -13.18
CA PHE A 237 13.02 -0.93 -12.66
C PHE A 237 12.85 -2.27 -11.96
N PHE A 238 13.42 -3.34 -12.53
CA PHE A 238 13.35 -4.64 -11.86
C PHE A 238 14.31 -4.70 -10.67
N GLN A 239 15.48 -4.07 -10.80
CA GLN A 239 16.47 -4.12 -9.73
C GLN A 239 15.90 -3.60 -8.41
N TYR A 240 15.15 -2.49 -8.48
CA TYR A 240 14.56 -1.91 -7.28
C TYR A 240 13.06 -2.17 -7.17
N GLY A 241 12.44 -2.76 -8.19
CA GLY A 241 11.03 -3.10 -8.13
C GLY A 241 10.76 -4.46 -7.52
N VAL A 242 11.67 -5.42 -7.74
CA VAL A 242 11.50 -6.75 -7.16
C VAL A 242 11.49 -6.70 -5.63
N PRO A 243 12.44 -6.06 -4.95
CA PRO A 243 12.31 -5.96 -3.48
C PRO A 243 11.17 -5.07 -3.05
N SER A 244 10.92 -3.97 -3.77
CA SER A 244 9.80 -3.09 -3.43
C SER A 244 8.48 -3.83 -3.52
N ALA A 245 8.34 -4.72 -4.50
CA ALA A 245 7.15 -5.56 -4.57
C ALA A 245 7.11 -6.56 -3.43
N ALA A 246 8.26 -7.14 -3.09
CA ALA A 246 8.31 -8.12 -2.01
C ALA A 246 7.86 -7.52 -0.69
N MET A 247 8.29 -6.29 -0.39
CA MET A 247 7.89 -5.64 0.85
C MET A 247 6.37 -5.55 0.96
N ILE A 248 5.70 -5.16 -0.12
CA ILE A 248 4.25 -5.03 -0.09
C ILE A 248 3.58 -6.40 -0.04
N CYS A 249 4.09 -7.36 -0.82
CA CYS A 249 3.51 -8.69 -0.83
C CYS A 249 3.56 -9.33 0.55
N LEU A 250 4.67 -9.15 1.28
CA LEU A 250 4.78 -9.73 2.60
C LEU A 250 3.87 -9.03 3.61
N GLU A 251 3.60 -7.75 3.40
CA GLU A 251 2.68 -7.03 4.28
C GLU A 251 1.23 -7.41 4.00
N TRP A 252 0.86 -7.58 2.73
CA TRP A 252 -0.50 -7.97 2.39
C TRP A 252 -0.74 -9.44 2.70
N TRP A 253 0.24 -10.29 2.41
CA TRP A 253 0.11 -11.72 2.70
C TRP A 253 -0.12 -11.96 4.19
N LEU A 254 0.64 -11.26 5.03
CA LEU A 254 0.51 -11.43 6.47
C LEU A 254 -0.89 -11.03 6.95
N PHE A 255 -1.42 -9.93 6.42
CA PHE A 255 -2.81 -9.56 6.66
C PHE A 255 -3.74 -10.75 6.39
N GLU A 256 -3.63 -11.34 5.21
CA GLU A 256 -4.48 -12.47 4.84
C GLU A 256 -4.23 -13.65 5.77
N LEU A 257 -2.96 -13.94 6.06
CA LEU A 257 -2.63 -15.06 6.93
C LEU A 257 -3.22 -14.89 8.32
N LEU A 258 -3.25 -13.64 8.83
CA LEU A 258 -3.85 -13.38 10.13
C LEU A 258 -5.32 -13.81 10.16
N ILE A 259 -6.10 -13.37 9.16
CA ILE A 259 -7.50 -13.75 9.09
C ILE A 259 -7.63 -15.26 8.95
N LEU A 260 -6.80 -15.87 8.10
CA LEU A 260 -6.83 -17.32 7.91
C LEU A 260 -6.58 -18.04 9.23
N CYS A 261 -5.55 -17.63 9.96
CA CYS A 261 -5.22 -18.29 11.22
C CYS A 261 -6.31 -18.11 12.26
N SER A 262 -7.02 -16.97 12.23
CA SER A 262 -8.12 -16.73 13.17
C SER A 262 -9.26 -17.72 12.97
N GLY A 263 -9.42 -18.26 11.77
CA GLY A 263 -10.42 -19.28 11.53
C GLY A 263 -10.12 -20.62 12.17
N LEU A 264 -8.90 -20.80 12.68
CA LEU A 264 -8.51 -22.05 13.33
C LEU A 264 -8.59 -21.98 14.86
N LEU A 265 -8.84 -20.81 15.42
CA LEU A 265 -8.98 -20.69 16.87
C LEU A 265 -10.38 -21.07 17.31
N SER A 266 -10.51 -21.38 18.60
CA SER A 266 -11.83 -21.66 19.17
C SER A 266 -12.71 -20.42 19.08
N ASN A 267 -13.99 -20.64 18.84
CA ASN A 267 -14.94 -19.56 18.56
C ASN A 267 -14.43 -18.70 17.40
N PRO A 268 -14.30 -19.28 16.20
CA PRO A 268 -13.65 -18.54 15.11
C PRO A 268 -14.46 -17.36 14.61
N LYS A 269 -15.79 -17.41 14.73
CA LYS A 269 -16.61 -16.27 14.36
C LYS A 269 -16.25 -15.05 15.21
N LEU A 270 -16.08 -15.25 16.52
CA LEU A 270 -15.70 -14.13 17.38
C LEU A 270 -14.29 -13.64 17.06
N GLU A 271 -13.32 -14.57 16.97
CA GLU A 271 -11.94 -14.16 16.78
C GLU A 271 -11.70 -13.55 15.40
N THR A 272 -12.41 -14.03 14.37
CA THR A 272 -12.23 -13.46 13.04
C THR A 272 -12.90 -12.10 12.92
N SER A 273 -14.09 -11.94 13.52
CA SER A 273 -14.74 -10.64 13.53
C SER A 273 -13.87 -9.61 14.24
N VAL A 274 -13.36 -9.97 15.41
CA VAL A 274 -12.54 -9.03 16.19
C VAL A 274 -11.22 -8.75 15.47
N LEU A 275 -10.59 -9.77 14.91
CA LEU A 275 -9.37 -9.55 14.15
C LEU A 275 -9.63 -8.69 12.91
N SER A 276 -10.81 -8.84 12.30
CA SER A 276 -11.18 -7.95 11.21
C SER A 276 -11.29 -6.51 11.70
N ILE A 277 -11.71 -6.30 12.94
CA ILE A 277 -11.80 -4.95 13.49
C ILE A 277 -10.40 -4.38 13.70
N CYS A 278 -9.48 -5.20 14.24
CA CYS A 278 -8.12 -4.74 14.45
C CYS A 278 -7.44 -4.39 13.13
N LEU A 279 -7.70 -5.18 12.09
CA LEU A 279 -7.10 -4.93 10.79
C LEU A 279 -7.68 -3.67 10.15
N THR A 280 -9.00 -3.54 10.15
CA THR A 280 -9.64 -2.35 9.60
C THR A 280 -9.15 -1.09 10.31
N THR A 281 -9.06 -1.15 11.65
CA THR A 281 -8.53 -0.02 12.40
C THR A 281 -7.08 0.25 12.04
N GLU A 282 -6.30 -0.81 11.81
CA GLU A 282 -4.88 -0.64 11.50
C GLU A 282 -4.69 0.06 10.16
N THR A 283 -5.45 -0.35 9.13
CA THR A 283 -5.33 0.28 7.83
C THR A 283 -5.91 1.68 7.84
N LEU A 284 -7.00 1.90 8.59
CA LEU A 284 -7.57 3.24 8.70
C LEU A 284 -6.54 4.23 9.21
N HIS A 285 -5.72 3.81 10.18
CA HIS A 285 -4.62 4.66 10.63
C HIS A 285 -3.49 4.70 9.61
N TYR A 286 -3.28 3.61 8.88
CA TYR A 286 -2.12 3.51 8.02
C TYR A 286 -2.21 4.41 6.79
N VAL A 287 -3.40 4.91 6.46
CA VAL A 287 -3.52 5.80 5.31
C VAL A 287 -2.80 7.13 5.57
N ILE A 288 -2.81 7.57 6.83
CA ILE A 288 -2.14 8.83 7.17
C ILE A 288 -0.64 8.65 7.14
N SER A 289 -0.13 7.63 7.84
CA SER A 289 1.30 7.35 7.82
C SER A 289 1.79 6.99 6.43
N SER A 290 0.91 6.48 5.56
CA SER A 290 1.30 6.24 4.18
C SER A 290 1.54 7.56 3.44
N GLY A 291 0.71 8.57 3.74
CA GLY A 291 0.96 9.88 3.15
C GLY A 291 2.25 10.50 3.64
N VAL A 292 2.56 10.32 4.93
CA VAL A 292 3.83 10.77 5.46
C VAL A 292 4.98 10.00 4.80
N ALA A 293 4.80 8.68 4.63
CA ALA A 293 5.84 7.86 4.03
C ALA A 293 6.13 8.30 2.59
N ALA A 294 5.07 8.58 1.82
CA ALA A 294 5.27 9.03 0.44
C ALA A 294 6.01 10.36 0.41
N ALA A 295 5.71 11.27 1.34
CA ALA A 295 6.40 12.55 1.39
C ALA A 295 7.86 12.36 1.76
N VAL A 296 8.14 11.48 2.72
CA VAL A 296 9.51 11.24 3.13
C VAL A 296 10.31 10.62 2.00
N SER A 297 9.72 9.65 1.29
CA SER A 297 10.41 9.03 0.17
C SER A 297 10.72 10.05 -0.92
N THR A 298 9.76 10.92 -1.22
CA THR A 298 9.97 11.92 -2.27
C THR A 298 11.09 12.88 -1.91
N ARG A 299 11.05 13.42 -0.68
CA ARG A 299 12.05 14.40 -0.28
C ARG A 299 13.42 13.77 -0.09
N VAL A 300 13.47 12.54 0.42
CA VAL A 300 14.75 11.85 0.58
C VAL A 300 15.38 11.58 -0.77
N SER A 301 14.59 11.07 -1.72
CA SER A 301 15.11 10.80 -3.05
C SER A 301 15.50 12.08 -3.77
N ASN A 302 14.71 13.15 -3.60
CA ASN A 302 15.01 14.41 -4.27
C ASN A 302 16.33 14.99 -3.78
N ASN A 303 16.50 15.06 -2.46
CA ASN A 303 17.71 15.65 -1.89
C ASN A 303 18.93 14.78 -2.15
N LEU A 304 18.77 13.45 -2.14
CA LEU A 304 19.89 12.57 -2.48
C LEU A 304 20.31 12.75 -3.93
N GLY A 305 19.35 12.82 -4.84
CA GLY A 305 19.68 13.04 -6.24
C GLY A 305 20.25 14.41 -6.50
N ALA A 306 19.87 15.40 -5.69
CA ALA A 306 20.38 16.76 -5.84
C ALA A 306 21.74 16.95 -5.18
N GLY A 307 22.33 15.90 -4.63
CA GLY A 307 23.61 16.03 -3.95
C GLY A 307 23.53 16.78 -2.63
N ASN A 308 22.45 16.58 -1.89
CA ASN A 308 22.26 17.23 -0.58
C ASN A 308 21.98 16.15 0.46
N PRO A 309 23.04 15.47 0.93
CA PRO A 309 22.81 14.41 1.93
C PRO A 309 22.32 14.94 3.27
N GLN A 310 22.77 16.13 3.67
CA GLN A 310 22.38 16.64 4.99
C GLN A 310 20.89 16.98 5.04
N VAL A 311 20.39 17.65 4.00
CA VAL A 311 18.95 17.93 3.94
C VAL A 311 18.15 16.65 3.80
N ALA A 312 18.75 15.60 3.24
CA ALA A 312 18.08 14.30 3.21
C ALA A 312 17.89 13.75 4.61
N ARG A 313 18.92 13.86 5.47
CA ARG A 313 18.75 13.50 6.88
C ARG A 313 17.64 14.32 7.52
N VAL A 314 17.63 15.62 7.24
CA VAL A 314 16.61 16.50 7.78
C VAL A 314 15.23 16.10 7.27
N SER A 315 15.15 15.60 6.04
CA SER A 315 13.88 15.10 5.52
C SER A 315 13.35 13.95 6.35
N VAL A 316 14.24 13.05 6.77
CA VAL A 316 13.83 11.95 7.64
C VAL A 316 13.35 12.49 8.98
N LEU A 317 14.06 13.51 9.51
CA LEU A 317 13.68 14.08 10.79
C LEU A 317 12.31 14.75 10.71
N ALA A 318 12.04 15.49 9.64
CA ALA A 318 10.74 16.13 9.49
C ALA A 318 9.63 15.10 9.39
N GLY A 319 9.86 14.02 8.64
CA GLY A 319 8.90 12.94 8.60
C GLY A 319 8.66 12.29 9.94
N LEU A 320 9.71 12.20 10.77
CA LEU A 320 9.53 11.67 12.12
C LEU A 320 8.72 12.62 12.98
N CYS A 321 8.82 13.93 12.74
CA CYS A 321 7.97 14.88 13.43
C CYS A 321 6.50 14.63 13.08
N LEU A 322 6.21 14.46 11.78
CA LEU A 322 4.86 14.09 11.37
C LEU A 322 4.42 12.78 12.02
N TRP A 323 5.35 11.82 12.14
CA TRP A 323 5.02 10.54 12.75
C TRP A 323 4.63 10.70 14.21
N LEU A 324 5.37 11.50 14.96
CA LEU A 324 5.10 11.65 16.40
C LEU A 324 3.73 12.30 16.61
N VAL A 325 3.44 13.37 15.87
CA VAL A 325 2.14 14.05 16.02
C VAL A 325 1.02 13.12 15.56
N GLU A 326 1.18 12.50 14.39
CA GLU A 326 0.12 11.65 13.85
C GLU A 326 -0.13 10.43 14.73
N SER A 327 0.94 9.70 15.09
CA SER A 327 0.75 8.46 15.84
C SER A 327 0.23 8.74 17.25
N ALA A 328 0.73 9.79 17.90
CA ALA A 328 0.21 10.15 19.21
C ALA A 328 -1.26 10.56 19.14
N PHE A 329 -1.63 11.26 18.06
CA PHE A 329 -3.03 11.67 17.89
C PHE A 329 -3.93 10.45 17.83
N PHE A 330 -3.65 9.52 16.91
CA PHE A 330 -4.53 8.38 16.71
C PHE A 330 -4.46 7.39 17.87
N SER A 331 -3.31 7.28 18.53
CA SER A 331 -3.20 6.36 19.66
C SER A 331 -4.04 6.85 20.84
N ILE A 332 -3.88 8.12 21.20
CA ILE A 332 -4.65 8.67 22.32
C ILE A 332 -6.13 8.73 21.97
N LEU A 333 -6.46 9.04 20.71
CA LEU A 333 -7.85 9.08 20.30
C LEU A 333 -8.50 7.70 20.40
N LEU A 334 -7.78 6.66 19.99
CA LEU A 334 -8.33 5.31 20.10
C LEU A 334 -8.45 4.88 21.56
N PHE A 335 -7.43 5.20 22.37
CA PHE A 335 -7.47 4.83 23.78
C PHE A 335 -8.62 5.54 24.50
N THR A 336 -8.99 6.73 24.05
CA THR A 336 -10.09 7.46 24.68
C THR A 336 -11.41 6.71 24.51
N PHE A 337 -11.70 6.27 23.29
CA PHE A 337 -12.94 5.57 22.98
C PHE A 337 -12.74 4.05 22.90
N ARG A 338 -11.82 3.50 23.70
CA ARG A 338 -11.50 2.08 23.60
C ARG A 338 -12.70 1.22 23.98
N ASN A 339 -13.50 1.67 24.95
CA ASN A 339 -14.68 0.94 25.39
C ASN A 339 -15.91 1.25 24.55
N ILE A 340 -15.81 2.20 23.62
CA ILE A 340 -16.95 2.63 22.83
C ILE A 340 -16.78 2.29 21.35
N ILE A 341 -15.56 2.36 20.81
CA ILE A 341 -15.35 2.20 19.37
C ILE A 341 -15.82 0.86 18.84
N GLY A 342 -15.89 -0.17 19.69
CA GLY A 342 -16.37 -1.46 19.24
C GLY A 342 -17.79 -1.43 18.72
N TYR A 343 -18.62 -0.54 19.29
CA TYR A 343 -20.00 -0.42 18.85
C TYR A 343 -20.13 0.19 17.47
N ALA A 344 -19.05 0.74 16.91
CA ALA A 344 -19.06 1.20 15.53
C ALA A 344 -18.91 0.06 14.53
N PHE A 345 -18.67 -1.16 15.01
CA PHE A 345 -18.50 -2.32 14.14
C PHE A 345 -19.43 -3.48 14.46
N SER A 346 -19.97 -3.56 15.68
CA SER A 346 -20.79 -4.70 16.07
C SER A 346 -21.68 -4.29 17.23
N ASN A 347 -22.84 -4.94 17.32
CA ASN A 347 -23.77 -4.74 18.43
C ASN A 347 -23.57 -5.76 19.54
N SER A 348 -22.57 -6.62 19.43
CA SER A 348 -22.32 -7.66 20.42
C SER A 348 -21.45 -7.12 21.53
N LYS A 349 -21.92 -7.26 22.78
CA LYS A 349 -21.12 -6.86 23.93
C LYS A 349 -19.79 -7.62 24.00
N GLU A 350 -19.79 -8.89 23.59
CA GLU A 350 -18.56 -9.67 23.62
C GLU A 350 -17.53 -9.11 22.64
N VAL A 351 -17.97 -8.71 21.44
CA VAL A 351 -17.04 -8.18 20.46
C VAL A 351 -16.51 -6.82 20.90
N VAL A 352 -17.38 -5.97 21.45
CA VAL A 352 -16.95 -4.64 21.88
C VAL A 352 -15.99 -4.74 23.06
N ASP A 353 -16.28 -5.64 24.00
CA ASP A 353 -15.37 -5.84 25.13
C ASP A 353 -14.03 -6.38 24.66
N TYR A 354 -14.04 -7.28 23.67
CA TYR A 354 -12.80 -7.82 23.13
C TYR A 354 -11.97 -6.72 22.49
N VAL A 355 -12.60 -5.90 21.64
CA VAL A 355 -11.88 -4.81 20.99
C VAL A 355 -11.37 -3.82 22.04
N ALA A 356 -12.13 -3.61 23.11
CA ALA A 356 -11.67 -2.75 24.19
C ALA A 356 -10.41 -3.30 24.85
N ASP A 357 -10.33 -4.63 24.98
CA ASP A 357 -9.15 -5.24 25.59
C ASP A 357 -7.94 -5.16 24.67
N LEU A 358 -8.17 -5.12 23.35
CA LEU A 358 -7.06 -5.07 22.39
C LEU A 358 -6.61 -3.65 22.08
N SER A 359 -7.42 -2.65 22.38
CA SER A 359 -7.14 -1.28 21.96
C SER A 359 -5.74 -0.79 22.34
N PRO A 360 -5.22 -1.04 23.54
CA PRO A 360 -3.82 -0.64 23.79
C PRO A 360 -2.83 -1.25 22.83
N LEU A 361 -3.01 -2.53 22.46
CA LEU A 361 -2.13 -3.14 21.48
C LEU A 361 -2.28 -2.48 20.12
N LEU A 362 -3.51 -2.08 19.77
CA LEU A 362 -3.73 -1.38 18.51
C LEU A 362 -3.06 0.00 18.53
N CYS A 363 -3.08 0.67 19.68
CA CYS A 363 -2.38 1.95 19.79
C CYS A 363 -0.88 1.76 19.58
N LEU A 364 -0.31 0.71 20.16
CA LEU A 364 1.09 0.38 19.91
C LEU A 364 1.33 0.10 18.44
N SER A 365 0.36 -0.56 17.79
CA SER A 365 0.47 -0.79 16.35
C SER A 365 0.46 0.52 15.58
N PHE A 366 -0.32 1.50 16.05
CA PHE A 366 -0.32 2.81 15.41
C PHE A 366 1.08 3.43 15.46
N ILE A 367 1.70 3.44 16.63
CA ILE A 367 3.02 4.05 16.80
C ILE A 367 4.04 3.36 15.91
N LEU A 368 4.05 2.02 15.94
CA LEU A 368 5.06 1.28 15.20
C LEU A 368 4.83 1.37 13.70
N ASP A 369 3.58 1.19 13.26
CA ASP A 369 3.30 1.22 11.82
C ASP A 369 3.62 2.58 11.23
N GLY A 370 3.35 3.66 11.98
CA GLY A 370 3.73 4.98 11.50
C GLY A 370 5.24 5.15 11.44
N PHE A 371 5.95 4.64 12.44
CA PHE A 371 7.41 4.73 12.45
C PHE A 371 8.01 3.91 11.31
N THR A 372 7.57 2.66 11.16
CA THR A 372 8.13 1.81 10.11
C THR A 372 7.71 2.28 8.73
N ALA A 373 6.55 2.93 8.60
CA ALA A 373 6.15 3.49 7.31
C ALA A 373 7.10 4.61 6.89
N VAL A 374 7.47 5.48 7.83
CA VAL A 374 8.39 6.58 7.52
C VAL A 374 9.74 6.02 7.10
N LEU A 375 10.27 5.07 7.88
CA LEU A 375 11.60 4.54 7.60
C LEU A 375 11.61 3.66 6.36
N ASN A 376 10.52 2.92 6.10
CA ASN A 376 10.42 2.22 4.82
C ASN A 376 10.37 3.21 3.66
N GLY A 377 9.75 4.37 3.87
CA GLY A 377 9.81 5.41 2.87
C GLY A 377 11.23 5.92 2.65
N VAL A 378 12.03 5.96 3.72
CA VAL A 378 13.45 6.29 3.56
C VAL A 378 14.15 5.24 2.71
N ALA A 379 13.77 3.97 2.90
CA ALA A 379 14.38 2.90 2.12
C ALA A 379 14.04 3.05 0.63
N ARG A 380 12.77 3.32 0.32
CA ARG A 380 12.38 3.49 -1.07
C ARG A 380 13.01 4.73 -1.67
N GLY A 381 13.12 5.81 -0.89
CA GLY A 381 13.75 7.02 -1.38
C GLY A 381 15.24 6.94 -1.54
N SER A 382 15.90 6.05 -0.81
CA SER A 382 17.35 5.90 -0.88
C SER A 382 17.80 4.80 -1.81
N GLY A 383 17.08 3.68 -1.84
CA GLY A 383 17.41 2.58 -2.74
C GLY A 383 17.70 1.26 -2.07
N TRP A 384 17.62 1.14 -0.74
CA TRP A 384 17.85 -0.14 -0.07
C TRP A 384 16.54 -0.80 0.33
N GLN A 385 15.60 -0.89 -0.62
CA GLN A 385 14.37 -1.63 -0.38
C GLN A 385 14.63 -3.10 -0.14
N HIS A 386 15.76 -3.63 -0.61
CA HIS A 386 16.09 -5.03 -0.34
C HIS A 386 16.25 -5.28 1.16
N ILE A 387 16.81 -4.31 1.88
CA ILE A 387 16.89 -4.43 3.34
C ILE A 387 15.48 -4.49 3.93
N GLY A 388 14.57 -3.67 3.40
CA GLY A 388 13.20 -3.70 3.88
C GLY A 388 12.48 -5.00 3.61
N ALA A 389 12.76 -5.63 2.46
CA ALA A 389 12.13 -6.92 2.16
C ALA A 389 12.63 -8.00 3.10
N TRP A 390 13.97 -8.13 3.24
CA TRP A 390 14.51 -9.11 4.17
C TRP A 390 14.12 -8.79 5.61
N ASN A 391 13.98 -7.49 5.94
CA ASN A 391 13.51 -7.13 7.26
C ASN A 391 12.05 -7.53 7.47
N ASN A 392 11.25 -7.49 6.41
CA ASN A 392 9.85 -7.92 6.51
C ASN A 392 9.77 -9.42 6.78
N ILE A 393 10.60 -10.20 6.10
CA ILE A 393 10.63 -11.65 6.34
C ILE A 393 11.08 -11.95 7.76
N PHE A 394 12.20 -11.34 8.17
CA PHE A 394 12.75 -11.61 9.49
C PHE A 394 11.81 -11.17 10.60
N SER A 395 11.19 -10.00 10.44
CA SER A 395 10.40 -9.43 11.53
C SER A 395 9.05 -10.13 11.69
N TYR A 396 8.36 -10.40 10.59
CA TYR A 396 6.99 -10.88 10.66
C TYR A 396 6.84 -12.39 10.43
N TYR A 397 7.73 -13.00 9.66
CA TYR A 397 7.60 -14.42 9.35
C TYR A 397 8.55 -15.30 10.13
N LEU A 398 9.73 -14.80 10.50
CA LEU A 398 10.67 -15.57 11.28
C LEU A 398 10.53 -15.36 12.78
N VAL A 399 10.03 -14.18 13.19
CA VAL A 399 9.87 -13.84 14.60
C VAL A 399 8.40 -13.63 14.96
N GLY A 400 7.71 -12.77 14.20
CA GLY A 400 6.35 -12.40 14.56
C GLY A 400 5.38 -13.56 14.44
N ALA A 401 5.44 -14.29 13.32
CA ALA A 401 4.52 -15.40 13.10
C ALA A 401 4.67 -16.53 14.12
N PRO A 402 5.88 -17.05 14.41
CA PRO A 402 5.98 -18.11 15.42
C PRO A 402 5.52 -17.67 16.81
N VAL A 403 5.92 -16.48 17.22
CA VAL A 403 5.50 -15.99 18.55
C VAL A 403 4.00 -15.77 18.59
N GLY A 404 3.42 -15.22 17.52
CA GLY A 404 1.99 -14.95 17.52
C GLY A 404 1.17 -16.23 17.55
N VAL A 405 1.55 -17.21 16.71
CA VAL A 405 0.86 -18.50 16.72
C VAL A 405 1.01 -19.18 18.07
N TYR A 406 2.19 -19.05 18.68
CA TYR A 406 2.43 -19.60 20.01
C TYR A 406 1.45 -19.00 21.03
N LEU A 407 1.52 -17.68 21.23
CA LEU A 407 0.67 -17.02 22.20
C LEU A 407 -0.82 -17.25 21.93
N ALA A 408 -1.20 -17.33 20.65
CA ALA A 408 -2.61 -17.52 20.32
C ALA A 408 -3.10 -18.92 20.71
N PHE A 409 -2.30 -19.94 20.43
CA PHE A 409 -2.67 -21.34 20.66
C PHE A 409 -2.17 -21.89 21.99
N ARG A 410 -0.96 -21.52 22.42
CA ARG A 410 -0.43 -22.05 23.68
C ARG A 410 -1.07 -21.36 24.88
N HIS A 411 -0.86 -20.06 25.04
CA HIS A 411 -1.34 -19.34 26.21
C HIS A 411 -2.83 -19.01 26.14
N ASP A 412 -3.55 -19.54 25.14
CA ASP A 412 -4.99 -19.34 24.99
C ASP A 412 -5.34 -17.85 24.93
N LEU A 413 -4.50 -17.07 24.24
CA LEU A 413 -4.78 -15.67 24.03
C LEU A 413 -5.59 -15.42 22.75
N ASN A 414 -5.61 -16.38 21.84
CA ASN A 414 -6.47 -16.37 20.64
C ASN A 414 -6.11 -15.14 19.80
N GLY A 415 -7.08 -14.32 19.40
CA GLY A 415 -6.77 -13.17 18.55
C GLY A 415 -5.84 -12.18 19.21
N LYS A 416 -5.93 -12.03 20.53
CA LYS A 416 -4.99 -11.17 21.24
C LYS A 416 -3.57 -11.70 21.13
N GLY A 417 -3.40 -13.02 21.17
CA GLY A 417 -2.08 -13.59 20.98
C GLY A 417 -1.55 -13.38 19.58
N LEU A 418 -2.43 -13.47 18.58
CA LEU A 418 -2.00 -13.21 17.20
C LEU A 418 -1.54 -11.76 17.05
N TRP A 419 -2.30 -10.81 17.60
CA TRP A 419 -1.90 -9.41 17.49
C TRP A 419 -0.69 -9.12 18.36
N CYS A 420 -0.47 -9.90 19.42
CA CYS A 420 0.77 -9.78 20.18
C CYS A 420 1.96 -10.10 19.29
N GLY A 421 1.85 -11.14 18.46
CA GLY A 421 2.89 -11.41 17.49
C GLY A 421 3.06 -10.32 16.46
N VAL A 422 1.95 -9.66 16.08
CA VAL A 422 2.05 -8.52 15.18
C VAL A 422 2.80 -7.39 15.84
N VAL A 423 2.50 -7.11 17.11
CA VAL A 423 3.17 -6.03 17.82
C VAL A 423 4.66 -6.33 17.97
N ILE A 424 5.00 -7.58 18.29
CA ILE A 424 6.41 -7.94 18.44
C ILE A 424 7.14 -7.88 17.10
N GLY A 425 6.50 -8.37 16.04
CA GLY A 425 7.11 -8.29 14.72
C GLY A 425 7.30 -6.85 14.25
N SER A 426 6.34 -6.00 14.56
CA SER A 426 6.49 -4.58 14.21
C SER A 426 7.57 -3.92 15.07
N THR A 427 7.76 -4.39 16.29
CA THR A 427 8.78 -3.82 17.17
C THR A 427 10.17 -4.14 16.63
N VAL A 428 10.43 -5.40 16.29
CA VAL A 428 11.73 -5.76 15.77
C VAL A 428 11.95 -5.16 14.38
N GLN A 429 10.88 -4.94 13.61
CA GLN A 429 11.01 -4.26 12.33
C GLN A 429 11.43 -2.82 12.53
N ALA A 430 10.80 -2.13 13.48
CA ALA A 430 11.17 -0.75 13.78
C ALA A 430 12.60 -0.66 14.29
N THR A 431 13.04 -1.66 15.08
CA THR A 431 14.39 -1.65 15.61
C THR A 431 15.42 -1.78 14.50
N VAL A 432 15.20 -2.73 13.58
CA VAL A 432 16.11 -2.90 12.45
C VAL A 432 16.12 -1.65 11.59
N LEU A 433 14.94 -1.12 11.28
CA LEU A 433 14.86 0.08 10.45
C LEU A 433 15.55 1.27 11.13
N ALA A 434 15.42 1.38 12.46
CA ALA A 434 16.06 2.49 13.15
C ALA A 434 17.58 2.35 13.13
N ILE A 435 18.08 1.12 13.28
CA ILE A 435 19.53 0.91 13.28
C ILE A 435 20.11 1.18 11.91
N VAL A 436 19.45 0.70 10.85
CA VAL A 436 20.00 0.88 9.51
C VAL A 436 19.92 2.33 9.06
N THR A 437 18.90 3.07 9.50
CA THR A 437 18.80 4.48 9.10
C THR A 437 19.74 5.37 9.91
N ALA A 438 20.01 5.00 11.18
CA ALA A 438 20.93 5.79 11.99
C ALA A 438 22.38 5.57 11.57
N SER A 439 22.70 4.39 11.06
CA SER A 439 24.05 4.06 10.63
C SER A 439 24.28 4.33 9.15
N MET A 440 23.33 4.98 8.48
CA MET A 440 23.48 5.27 7.07
C MET A 440 24.53 6.34 6.83
N ASN A 441 25.35 6.14 5.80
CA ASN A 441 26.29 7.16 5.35
C ASN A 441 25.60 7.94 4.24
N TRP A 442 25.13 9.14 4.58
CA TRP A 442 24.26 9.88 3.68
C TRP A 442 25.02 10.45 2.49
N LYS A 443 26.31 10.78 2.68
CA LYS A 443 27.10 11.29 1.58
C LYS A 443 27.27 10.24 0.49
N GLU A 444 27.50 8.98 0.90
CA GLU A 444 27.63 7.90 -0.08
C GLU A 444 26.30 7.62 -0.76
N GLN A 445 25.20 7.63 0.01
CA GLN A 445 23.89 7.43 -0.60
C GLN A 445 23.57 8.51 -1.61
N ALA A 446 24.05 9.74 -1.39
CA ALA A 446 23.93 10.77 -2.41
C ALA A 446 24.85 10.47 -3.60
N GLU A 447 26.07 10.00 -3.30
CA GLU A 447 26.97 9.58 -4.37
C GLU A 447 26.39 8.41 -5.15
N LYS A 448 25.80 7.44 -4.45
CA LYS A 448 25.17 6.32 -5.14
C LYS A 448 23.96 6.78 -5.94
N ALA A 449 23.26 7.81 -5.47
CA ALA A 449 22.16 8.36 -6.26
C ALA A 449 22.68 9.01 -7.54
N ARG A 450 23.75 9.80 -7.44
CA ARG A 450 24.33 10.42 -8.62
C ARG A 450 24.72 9.40 -9.67
N LYS A 451 25.29 8.27 -9.24
CA LYS A 451 25.65 7.22 -10.18
C LYS A 451 24.43 6.45 -10.66
N ARG A 452 23.43 6.27 -9.78
CA ARG A 452 22.27 5.45 -10.13
C ARG A 452 21.49 6.05 -11.29
N ILE A 453 21.37 7.37 -11.34
CA ILE A 453 20.61 8.04 -12.39
C ILE A 453 21.49 8.76 -13.40
N VAL A 454 22.81 8.78 -13.18
CA VAL A 454 23.79 9.48 -14.01
C VAL A 454 23.29 10.84 -14.49
RB RB B . 2.74 -4.21 7.90
RB RB C . -0.08 -6.46 9.79
C18 OLC D . 19.40 -10.85 16.55
C10 OLC D . 17.89 -7.65 8.73
C9 OLC D . 18.40 -7.49 7.52
C17 OLC D . 19.55 -10.69 15.05
C11 OLC D . 17.08 -8.88 9.05
C8 OLC D . 19.20 -6.24 7.23
C24 OLC D . 23.16 0.92 -0.18
C16 OLC D . 19.82 -9.23 14.68
C12 OLC D . 17.81 -9.71 10.10
C7 OLC D . 20.67 -6.62 7.18
C15 OLC D . 19.94 -9.05 13.17
C13 OLC D . 18.40 -8.83 11.20
C6 OLC D . 21.54 -5.42 7.57
C14 OLC D . 18.75 -9.65 12.43
C5 OLC D . 22.55 -5.11 6.47
C4 OLC D . 23.12 -3.71 6.64
C3 OLC D . 23.96 -3.33 5.43
C2 OLC D . 24.02 -1.82 5.27
C21 OLC D . 24.18 0.14 1.95
C1 OLC D . 23.97 -1.50 3.80
C22 OLC D . 22.94 0.76 1.32
O19 OLC D . 23.98 -2.41 2.97
O25 OLC D . 23.25 -0.36 -0.79
O23 OLC D . 21.84 -0.12 1.54
O20 OLC D . 23.90 -0.13 3.32
C18 OLC E . 7.48 -12.75 -12.90
C10 OLC E . 1.77 -15.58 -7.34
C9 OLC E . 1.69 -16.54 -6.41
C17 OLC E . 6.64 -12.44 -11.68
C11 OLC E . 2.71 -14.41 -7.15
C8 OLC E . 2.53 -16.47 -5.16
C24 OLC E . -7.03 -20.01 -0.38
C16 OLC E . 5.15 -12.65 -11.97
C12 OLC E . 3.39 -14.10 -8.47
C7 OLC E . 1.69 -15.91 -4.02
C15 OLC E . 4.34 -12.57 -10.69
C13 OLC E . 2.38 -13.56 -9.48
C6 OLC E . 1.79 -16.78 -2.77
C14 OLC E . 3.03 -13.35 -10.84
C5 OLC E . 0.87 -18.00 -2.87
C4 OLC E . -0.57 -17.59 -3.14
C3 OLC E . -1.52 -18.75 -2.85
C2 OLC E . -2.92 -18.51 -3.40
C21 OLC E . -5.95 -17.86 -1.09
C1 OLC E . -3.81 -17.92 -2.33
C22 OLC E . -7.26 -18.59 -0.86
O19 OLC E . -3.44 -16.97 -1.66
O25 OLC E . -8.29 -20.59 0.01
O23 OLC E . -7.99 -17.87 0.15
O20 OLC E . -5.13 -18.49 -2.07
C18 OLC F . 12.48 -11.80 -1.47
C10 OLC F . 5.47 -17.25 2.83
C9 OLC F . 4.16 -17.31 3.05
C17 OLC F . 11.29 -12.09 -0.59
C11 OLC F . 6.10 -16.07 2.11
C8 OLC F . 3.22 -16.22 2.58
C24 OLC F . -9.75 -15.67 3.10
C16 OLC F . 10.79 -13.53 -0.74
C12 OLC F . 7.51 -16.45 1.68
C7 OLC F . 1.90 -16.86 2.14
C15 OLC F . 9.54 -13.75 0.10
C13 OLC F . 8.45 -15.25 1.77
C6 OLC F . 1.05 -15.87 1.32
C14 OLC F . 9.40 -15.18 0.57
C5 OLC F . -0.34 -16.41 0.98
C4 OLC F . -1.37 -15.98 2.01
C3 OLC F . -2.79 -16.19 1.49
C2 OLC F . -3.69 -16.77 2.58
C21 OLC F . -7.47 -16.68 3.07
C1 OLC F . -5.11 -16.37 2.32
C22 OLC F . -8.26 -15.40 3.28
O19 OLC F . -5.47 -15.96 1.23
O25 OLC F . -10.24 -16.43 4.21
O23 OLC F . -8.02 -14.87 4.59
O20 OLC F . -6.10 -16.44 3.39
#